data_7RWO
#
_entry.id   7RWO
#
_cell.length_a   27.098
_cell.length_b   66.638
_cell.length_c   39.288
_cell.angle_alpha   90.000
_cell.angle_beta   106.790
_cell.angle_gamma   90.000
#
_symmetry.space_group_name_H-M   'P 1 21 1'
#
loop_
_entity.id
_entity.type
_entity.pdbx_description
1 polymer 'Nucleosome-remodeling factor subunit BPTF'
2 non-polymer 4-chloro-2-methyl-5-[(1,2,3,4-tetrahydroisoquinolin-7-yl)amino]pyridazin-3(2H)-one
3 non-polymer 1,2-ETHANEDIOL
4 water water
#
_entity_poly.entity_id   1
_entity_poly.type   'polypeptide(L)'
_entity_poly.pdbx_seq_one_letter_code
;GTENLYFQSMSTEDAMTVLTPLTEKDYEGLKRVLRSLQAHKMAWPFLEPVDPNDAPDYYGVIKEPMDLATMEERVQRRYY
EKLTEFVADMTKIFDNCRYYNPSDSPFYQCAEVLESFFVQKLKGFKASRSH
;
_entity_poly.pdbx_strand_id   A
#
# COMPACT_ATOMS: atom_id res chain seq x y z
N GLU A 13 -7.63 -2.53 14.53
CA GLU A 13 -6.28 -3.08 14.55
C GLU A 13 -5.86 -3.49 15.95
N ASP A 14 -5.03 -4.52 16.02
CA ASP A 14 -4.51 -4.97 17.29
C ASP A 14 -3.50 -3.97 17.84
N ALA A 15 -3.33 -4.02 19.17
CA ALA A 15 -2.50 -3.04 19.85
C ALA A 15 -1.04 -3.09 19.38
N MET A 16 -0.51 -4.29 19.10
CA MET A 16 0.86 -4.35 18.62
C MET A 16 1.00 -3.62 17.30
N THR A 17 0.02 -3.77 16.41
CA THR A 17 0.08 -3.06 15.14
C THR A 17 0.08 -1.55 15.35
N VAL A 18 -0.72 -1.06 16.30
CA VAL A 18 -0.81 0.37 16.54
C VAL A 18 0.41 0.91 17.27
N LEU A 19 0.95 0.15 18.23
CA LEU A 19 1.83 0.74 19.24
C LEU A 19 3.29 0.28 19.18
N THR A 20 3.57 -0.90 18.63
CA THR A 20 4.92 -1.44 18.73
C THR A 20 5.83 -0.79 17.69
N PRO A 21 6.89 -0.10 18.08
CA PRO A 21 7.76 0.52 17.09
C PRO A 21 8.36 -0.50 16.13
N LEU A 22 8.43 -0.12 14.87
CA LEU A 22 9.03 -0.99 13.85
C LEU A 22 10.53 -1.09 14.05
N THR A 23 11.04 -2.30 14.07
CA THR A 23 12.47 -2.56 14.18
C THR A 23 13.10 -2.77 12.81
N GLU A 24 14.42 -2.88 12.77
CA GLU A 24 15.06 -3.28 11.52
C GLU A 24 14.57 -4.65 11.09
N LYS A 25 14.40 -5.57 12.03
CA LYS A 25 13.88 -6.89 11.67
C LYS A 25 12.51 -6.75 11.02
N ASP A 26 11.63 -5.94 11.62
CA ASP A 26 10.33 -5.68 11.01
C ASP A 26 10.47 -5.17 9.58
N TYR A 27 11.44 -4.28 9.35
CA TYR A 27 11.57 -3.67 8.02
C TYR A 27 12.01 -4.69 6.95
N GLU A 28 12.70 -5.76 7.33
CA GLU A 28 12.94 -6.84 6.36
C GLU A 28 11.61 -7.44 5.91
N GLY A 29 10.66 -7.59 6.83
CA GLY A 29 9.37 -8.14 6.45
C GLY A 29 8.54 -7.14 5.65
N LEU A 30 8.61 -5.85 6.00
CA LEU A 30 7.86 -4.86 5.22
C LEU A 30 8.35 -4.82 3.78
N LYS A 31 9.67 -4.89 3.58
CA LYS A 31 10.20 -4.86 2.22
C LYS A 31 9.74 -6.10 1.45
N ARG A 32 9.70 -7.25 2.12
CA ARG A 32 9.20 -8.46 1.45
C ARG A 32 7.77 -8.26 0.99
N VAL A 33 6.93 -7.67 1.86
CA VAL A 33 5.52 -7.45 1.50
C VAL A 33 5.43 -6.52 0.29
N LEU A 34 6.16 -5.42 0.34
CA LEU A 34 6.12 -4.45 -0.75
C LEU A 34 6.61 -5.05 -2.06
N ARG A 35 7.70 -5.83 -2.01
CA ARG A 35 8.19 -6.47 -3.23
C ARG A 35 7.18 -7.46 -3.80
N SER A 36 6.47 -8.17 -2.94
CA SER A 36 5.45 -9.10 -3.42
C SER A 36 4.32 -8.34 -4.12
N LEU A 37 3.95 -7.17 -3.62
CA LEU A 37 2.94 -6.38 -4.32
C LEU A 37 3.47 -5.87 -5.65
N GLN A 38 4.70 -5.35 -5.67
CA GLN A 38 5.24 -4.79 -6.90
C GLN A 38 5.32 -5.83 -8.00
N ALA A 39 5.48 -7.10 -7.63
CA ALA A 39 5.62 -8.19 -8.57
C ALA A 39 4.28 -8.74 -9.04
N HIS A 40 3.18 -8.37 -8.38
CA HIS A 40 1.89 -8.95 -8.71
C HIS A 40 1.39 -8.42 -10.04
N LYS A 41 0.86 -9.34 -10.87
CA LYS A 41 0.34 -8.98 -12.19
C LYS A 41 -0.60 -7.78 -12.14
N MET A 42 -1.40 -7.67 -11.08
CA MET A 42 -2.46 -6.67 -11.05
C MET A 42 -2.03 -5.39 -10.34
N ALA A 43 -0.76 -5.29 -9.97
CA ALA A 43 -0.22 -4.08 -9.38
C ALA A 43 0.20 -3.03 -10.41
N TRP A 44 0.05 -3.31 -11.70
CA TRP A 44 0.58 -2.41 -12.71
C TRP A 44 0.07 -0.98 -12.61
N PRO A 45 -1.18 -0.68 -12.19
CA PRO A 45 -1.58 0.72 -12.09
C PRO A 45 -0.97 1.46 -10.91
N PHE A 46 -0.33 0.75 -9.99
CA PHE A 46 0.04 1.33 -8.69
C PHE A 46 1.54 1.46 -8.49
N LEU A 47 2.33 1.05 -9.49
CA LEU A 47 3.78 1.02 -9.32
C LEU A 47 4.37 2.41 -9.20
N GLU A 48 3.81 3.39 -9.90
CA GLU A 48 4.33 4.75 -9.98
C GLU A 48 3.15 5.69 -9.88
N PRO A 49 3.40 6.98 -9.57
CA PRO A 49 2.28 7.90 -9.35
C PRO A 49 1.38 8.01 -10.58
N VAL A 50 0.08 8.21 -10.32
CA VAL A 50 -0.85 8.48 -11.40
C VAL A 50 -0.36 9.67 -12.22
N ASP A 51 -0.36 9.51 -13.54
CA ASP A 51 0.04 10.58 -14.44
C ASP A 51 -1.12 11.55 -14.60
N PRO A 52 -0.97 12.84 -14.27
CA PRO A 52 -2.12 13.75 -14.38
C PRO A 52 -2.70 13.82 -15.77
N ASN A 53 -1.88 13.56 -16.79
CA ASN A 53 -2.38 13.70 -18.15
C ASN A 53 -3.22 12.50 -18.57
N ASP A 54 -3.20 11.42 -17.79
CA ASP A 54 -4.07 10.27 -17.98
C ASP A 54 -5.40 10.40 -17.26
N ALA A 55 -5.51 11.30 -16.29
CA ALA A 55 -6.61 11.27 -15.32
C ALA A 55 -7.02 12.69 -14.97
N PRO A 56 -8.01 13.23 -15.68
CA PRO A 56 -8.42 14.63 -15.46
C PRO A 56 -8.95 14.84 -14.05
N ASP A 57 -8.49 15.92 -13.43
CA ASP A 57 -8.90 16.37 -12.09
C ASP A 57 -8.48 15.41 -10.99
N TYR A 58 -7.67 14.39 -11.32
CA TYR A 58 -7.25 13.45 -10.30
C TYR A 58 -6.62 14.16 -9.11
N TYR A 59 -5.62 15.00 -9.36
CA TYR A 59 -4.97 15.67 -8.25
C TYR A 59 -5.80 16.83 -7.71
N GLY A 60 -6.93 17.14 -8.33
CA GLY A 60 -7.88 18.04 -7.71
C GLY A 60 -8.76 17.35 -6.68
N VAL A 61 -9.12 16.08 -6.90
CA VAL A 61 -10.05 15.42 -6.00
C VAL A 61 -9.35 14.50 -5.01
N ILE A 62 -8.22 13.92 -5.40
CA ILE A 62 -7.45 13.01 -4.55
C ILE A 62 -6.46 13.85 -3.76
N LYS A 63 -6.77 14.09 -2.49
CA LYS A 63 -5.95 15.01 -1.71
C LYS A 63 -4.65 14.37 -1.24
N GLU A 64 -4.59 13.06 -1.08
CA GLU A 64 -3.41 12.38 -0.57
C GLU A 64 -3.07 11.22 -1.48
N PRO A 65 -2.48 11.50 -2.65
CA PRO A 65 -2.08 10.44 -3.59
C PRO A 65 -1.03 9.53 -2.97
N MET A 66 -1.00 8.30 -3.47
CA MET A 66 0.01 7.36 -2.99
C MET A 66 0.26 6.30 -4.04
N ASP A 67 1.47 5.75 -4.03
CA ASP A 67 1.83 4.73 -5.00
C ASP A 67 2.92 3.86 -4.41
N LEU A 68 3.19 2.73 -5.05
CA LEU A 68 4.13 1.79 -4.46
C LEU A 68 5.57 2.31 -4.51
N ALA A 69 5.95 3.12 -5.52
CA ALA A 69 7.30 3.68 -5.55
C ALA A 69 7.51 4.64 -4.39
N THR A 70 6.48 5.41 -4.05
CA THR A 70 6.58 6.33 -2.91
C THR A 70 6.73 5.53 -1.63
N MET A 71 5.99 4.42 -1.51
CA MET A 71 6.13 3.57 -0.33
C MET A 71 7.49 2.89 -0.29
N GLU A 72 8.04 2.53 -1.46
CA GLU A 72 9.39 1.95 -1.49
C GLU A 72 10.42 2.92 -0.93
N GLU A 73 10.31 4.20 -1.30
CA GLU A 73 11.22 5.21 -0.77
C GLU A 73 11.05 5.37 0.73
N ARG A 74 9.81 5.39 1.19
CA ARG A 74 9.55 5.52 2.63
C ARG A 74 10.07 4.31 3.40
N VAL A 75 9.92 3.10 2.85
CA VAL A 75 10.47 1.93 3.53
C VAL A 75 11.99 2.04 3.61
N GLN A 76 12.63 2.45 2.50
CA GLN A 76 14.08 2.55 2.49
C GLN A 76 14.57 3.55 3.51
N ARG A 77 13.87 4.67 3.63
CA ARG A 77 14.26 5.77 4.52
C ARG A 77 13.79 5.56 5.95
N ARG A 78 13.14 4.43 6.25
CA ARG A 78 12.63 4.14 7.60
C ARG A 78 11.62 5.20 8.05
N TYR A 79 10.77 5.63 7.12
CA TYR A 79 9.78 6.65 7.41
C TYR A 79 8.76 6.20 8.44
N TYR A 80 8.34 4.94 8.34
CA TYR A 80 7.27 4.42 9.18
C TYR A 80 7.81 4.09 10.57
N GLU A 81 7.09 4.52 11.60
CA GLU A 81 7.43 4.18 12.97
C GLU A 81 6.57 3.06 13.54
N LYS A 82 5.36 2.91 13.01
CA LYS A 82 4.42 1.89 13.46
C LYS A 82 3.83 1.19 12.25
N LEU A 83 3.49 -0.08 12.42
CA LEU A 83 2.90 -0.83 11.32
C LEU A 83 1.62 -0.16 10.81
N THR A 84 0.84 0.41 11.73
CA THR A 84 -0.42 1.07 11.32
C THR A 84 -0.17 2.16 10.26
N GLU A 85 0.96 2.87 10.34
CA GLU A 85 1.26 3.92 9.36
C GLU A 85 1.56 3.34 7.98
N PHE A 86 2.29 2.22 7.95
CA PHE A 86 2.52 1.50 6.70
C PHE A 86 1.22 1.04 6.08
N VAL A 87 0.35 0.42 6.89
CA VAL A 87 -0.94 -0.06 6.41
C VAL A 87 -1.77 1.11 5.89
N ALA A 88 -1.68 2.27 6.57
CA ALA A 88 -2.48 3.42 6.15
C ALA A 88 -2.07 3.90 4.78
N ASP A 89 -0.75 3.94 4.50
CA ASP A 89 -0.29 4.38 3.18
C ASP A 89 -0.75 3.39 2.11
N MET A 90 -0.59 2.09 2.38
CA MET A 90 -1.05 1.08 1.43
C MET A 90 -2.54 1.22 1.16
N THR A 91 -3.33 1.43 2.21
CA THR A 91 -4.78 1.50 2.06
C THR A 91 -5.19 2.74 1.26
N LYS A 92 -4.42 3.84 1.36
CA LYS A 92 -4.61 5.02 0.52
C LYS A 92 -4.55 4.67 -0.97
N ILE A 93 -3.59 3.84 -1.37
CA ILE A 93 -3.48 3.47 -2.78
C ILE A 93 -4.82 2.92 -3.27
N PHE A 94 -5.38 1.98 -2.50
CA PHE A 94 -6.61 1.30 -2.93
C PHE A 94 -7.83 2.19 -2.80
N ASP A 95 -7.92 2.93 -1.68
CA ASP A 95 -9.06 3.80 -1.45
C ASP A 95 -9.11 4.95 -2.45
N ASN A 96 -7.95 5.55 -2.75
CA ASN A 96 -7.92 6.59 -3.79
C ASN A 96 -8.43 6.05 -5.10
N CYS A 97 -7.99 4.83 -5.44
CA CYS A 97 -8.36 4.25 -6.73
C CYS A 97 -9.86 4.02 -6.82
N ARG A 98 -10.45 3.50 -5.75
CA ARG A 98 -11.90 3.26 -5.78
C ARG A 98 -12.71 4.54 -5.63
N TYR A 99 -12.12 5.61 -5.07
CA TYR A 99 -12.77 6.91 -5.01
C TYR A 99 -12.89 7.53 -6.39
N TYR A 100 -11.82 7.47 -7.17
CA TYR A 100 -11.79 8.19 -8.43
C TYR A 100 -12.45 7.41 -9.57
N ASN A 101 -12.34 6.08 -9.57
CA ASN A 101 -12.70 5.27 -10.72
C ASN A 101 -14.05 4.57 -10.54
N PRO A 102 -14.81 4.39 -11.61
CA PRO A 102 -16.05 3.61 -11.50
C PRO A 102 -15.78 2.16 -11.20
N SER A 103 -16.79 1.49 -10.62
CA SER A 103 -16.60 0.13 -10.15
C SER A 103 -16.35 -0.86 -11.28
N ASP A 104 -16.66 -0.52 -12.54
CA ASP A 104 -16.34 -1.44 -13.62
C ASP A 104 -15.01 -1.10 -14.30
N SER A 105 -14.26 -0.16 -13.75
CA SER A 105 -12.98 0.22 -14.33
C SER A 105 -11.95 -0.88 -14.10
N PRO A 106 -11.06 -1.15 -15.07
CA PRO A 106 -9.92 -2.03 -14.78
C PRO A 106 -9.09 -1.58 -13.60
N PHE A 107 -8.96 -0.27 -13.34
CA PHE A 107 -8.21 0.19 -12.17
C PHE A 107 -8.89 -0.25 -10.87
N TYR A 108 -10.20 -0.03 -10.78
CA TYR A 108 -10.96 -0.46 -9.62
C TYR A 108 -10.79 -1.96 -9.38
N GLN A 109 -10.83 -2.76 -10.45
CA GLN A 109 -10.71 -4.20 -10.27
C GLN A 109 -9.32 -4.56 -9.77
N CYS A 110 -8.30 -3.84 -10.24
CA CYS A 110 -6.96 -4.07 -9.73
C CYS A 110 -6.89 -3.76 -8.24
N ALA A 111 -7.54 -2.67 -7.81
CA ALA A 111 -7.51 -2.34 -6.38
C ALA A 111 -8.17 -3.45 -5.55
N GLU A 112 -9.27 -3.99 -6.03
CA GLU A 112 -9.97 -5.05 -5.30
C GLU A 112 -9.10 -6.28 -5.12
N VAL A 113 -8.46 -6.74 -6.20
CA VAL A 113 -7.65 -7.95 -6.08
C VAL A 113 -6.38 -7.66 -5.31
N LEU A 114 -5.71 -6.55 -5.62
CA LEU A 114 -4.43 -6.34 -4.94
C LEU A 114 -4.64 -6.10 -3.44
N GLU A 115 -5.75 -5.45 -3.04
CA GLU A 115 -5.95 -5.26 -1.60
C GLU A 115 -6.14 -6.59 -0.90
N SER A 116 -6.90 -7.51 -1.50
CA SER A 116 -7.04 -8.83 -0.89
C SER A 116 -5.68 -9.50 -0.76
N PHE A 117 -4.81 -9.31 -1.75
CA PHE A 117 -3.49 -9.96 -1.72
C PHE A 117 -2.63 -9.32 -0.64
N PHE A 118 -2.74 -8.00 -0.50
CA PHE A 118 -2.04 -7.29 0.58
C PHE A 118 -2.48 -7.79 1.94
N VAL A 119 -3.80 -7.97 2.15
CA VAL A 119 -4.28 -8.41 3.44
C VAL A 119 -3.76 -9.81 3.77
N GLN A 120 -3.67 -10.69 2.77
CA GLN A 120 -3.06 -12.01 2.97
C GLN A 120 -1.61 -11.86 3.42
N LYS A 121 -0.84 -11.05 2.69
CA LYS A 121 0.57 -10.87 3.05
C LYS A 121 0.73 -10.16 4.39
N LEU A 122 -0.13 -9.17 4.65
CA LEU A 122 -0.10 -8.47 5.94
C LEU A 122 -0.37 -9.40 7.12
N LYS A 123 -1.37 -10.28 6.99
CA LYS A 123 -1.64 -11.23 8.07
C LYS A 123 -0.43 -12.15 8.29
N GLY A 124 0.26 -12.54 7.22
CA GLY A 124 1.46 -13.32 7.38
C GLY A 124 2.56 -12.54 8.10
N PHE A 125 2.71 -11.27 7.74
CA PHE A 125 3.70 -10.44 8.43
C PHE A 125 3.39 -10.33 9.92
N LYS A 126 2.13 -10.03 10.27
CA LYS A 126 1.80 -9.86 11.69
C LYS A 126 2.05 -11.13 12.49
N ALA A 127 1.80 -12.29 11.90
CA ALA A 127 2.04 -13.55 12.60
C ALA A 127 3.53 -13.81 12.79
N SER A 128 4.34 -13.47 11.79
CA SER A 128 5.79 -13.64 11.89
C SER A 128 6.39 -12.71 12.93
N ARG A 129 5.68 -11.62 13.23
CA ARG A 129 6.09 -10.68 14.25
C ARG A 129 5.83 -11.25 15.63
N SER A 130 4.71 -11.96 15.79
CA SER A 130 4.37 -12.63 17.04
C SER A 130 5.33 -13.76 17.38
N HIS A 131 6.03 -14.31 16.39
CA HIS A 131 7.09 -15.28 16.63
C HIS A 131 8.32 -14.98 15.78
#